data_2X1M
#
_entry.id   2X1M
#
_cell.length_a   209.990
_cell.length_b   209.990
_cell.length_c   73.880
_cell.angle_alpha   90.00
_cell.angle_beta   90.00
_cell.angle_gamma   120.00
#
_symmetry.space_group_name_H-M   'H 3 2'
#
loop_
_entity.id
_entity.type
_entity.pdbx_description
1 polymer 'METHIONYL-TRNA SYNTHETASE'
2 non-polymer METHIONINE
3 non-polymer 'DIHYDROGENPHOSPHATE ION'
4 non-polymer '3-CYCLOHEXYL-1-PROPYLSULFONIC ACID'
5 water water
#
_entity_poly.entity_id   1
_entity_poly.type   'polypeptide(L)'
_entity_poly.pdbx_seq_one_letter_code
;MAHHHHHHGGSEPFYITTAIAYPNGVPHIGHAYEYIATDAIARFKRLDGYDVRYLTGTDVHGQKMAETAAKEGIPAAELA
RRNSDVFQRLQEKLNISFDRFIRTSDADHYEASKAIWKRMADAGDIYLDAYKGWYSIRDERFFTENETTEQPDGTRIATE
TGAPVTWTEEQTYFFRLSAYTDRLLALYEEHPEFIGPDARRNEIVSFVSGGLKDLSISRTTFDWGVPVPDHPDHVMYVWV
DALTNYLTGVGFPDTESESFRRYWPADLHMIGKDIIRFHTVYWPAFLMSAGLPLPKRIFAHGWLLNRGEKMSKSIGNVVD
PVNLVDTFGLDQVRYFLLREVPFGQDGSYNEDAIIGRVNADLANELGNLAQRSLSMVAKNLGAAVPDPGEFTDEDTALLA
AADALLERVREHFDVPAMHLALEAIWSVLGAANRYFSAQEPWVLRKSDAAEDQQRFRTVLYTTLEVVRIASLLLQPVMPE
STAKLLDLLGQPTDERDFSAIANRIKPGTSLPAPSGIFPRYQND
;
_entity_poly.pdbx_strand_id   A
#
loop_
_chem_comp.id
_chem_comp.type
_chem_comp.name
_chem_comp.formula
2HP non-polymer 'DIHYDROGENPHOSPHATE ION' 'H2 O4 P -1'
CXS non-polymer '3-CYCLOHEXYL-1-PROPYLSULFONIC ACID' 'C9 H19 N O3 S'
#
# COMPACT_ATOMS: atom_id res chain seq x y z
N SER A 11 1.59 -16.13 -17.19
CA SER A 11 1.84 -15.42 -15.90
C SER A 11 2.43 -14.04 -16.16
N GLU A 12 1.54 -13.04 -16.27
CA GLU A 12 1.93 -11.67 -16.58
C GLU A 12 2.62 -10.98 -15.39
N PRO A 13 3.63 -10.14 -15.68
CA PRO A 13 4.32 -9.38 -14.63
C PRO A 13 3.47 -8.26 -14.05
N PHE A 14 3.66 -7.99 -12.75
CA PHE A 14 3.00 -6.88 -12.06
C PHE A 14 3.99 -6.18 -11.14
N TYR A 15 4.38 -4.97 -11.50
CA TYR A 15 5.33 -4.20 -10.72
C TYR A 15 4.65 -3.07 -9.94
N ILE A 16 4.71 -3.17 -8.62
CA ILE A 16 4.09 -2.21 -7.71
C ILE A 16 5.11 -1.64 -6.71
N THR A 17 5.02 -0.33 -6.46
CA THR A 17 5.97 0.34 -5.57
C THR A 17 5.27 1.22 -4.54
N THR A 18 5.93 1.44 -3.41
CA THR A 18 5.51 2.44 -2.44
C THR A 18 6.45 3.65 -2.53
N ALA A 19 6.06 4.76 -1.91
CA ALA A 19 6.94 5.91 -1.79
C ALA A 19 8.05 5.60 -0.80
N ILE A 20 9.29 5.90 -1.18
CA ILE A 20 10.44 5.69 -0.30
C ILE A 20 10.65 6.92 0.60
N ALA A 21 10.23 6.78 1.87
CA ALA A 21 10.17 7.92 2.79
C ALA A 21 11.52 8.35 3.35
N TYR A 22 11.60 9.59 3.82
CA TYR A 22 12.78 10.11 4.51
C TYR A 22 12.90 9.48 5.89
N PRO A 23 14.04 8.82 6.17
CA PRO A 23 14.27 8.28 7.51
C PRO A 23 14.88 9.32 8.45
N ASN A 24 14.17 10.43 8.65
CA ASN A 24 14.64 11.51 9.52
C ASN A 24 14.08 11.40 10.94
N GLY A 25 12.96 10.69 11.08
CA GLY A 25 12.32 10.50 12.38
C GLY A 25 11.74 9.12 12.58
N VAL A 26 10.67 9.05 13.37
CA VAL A 26 9.97 7.80 13.64
C VAL A 26 8.86 7.62 12.60
N PRO A 27 8.73 6.40 12.04
CA PRO A 27 7.66 6.11 11.08
C PRO A 27 6.28 6.48 11.62
N HIS A 28 5.51 7.22 10.82
CA HIS A 28 4.18 7.67 11.20
C HIS A 28 3.11 6.64 10.81
N ILE A 29 1.86 6.95 11.14
CA ILE A 29 0.72 6.12 10.78
C ILE A 29 0.49 6.12 9.26
N GLY A 30 0.82 7.23 8.61
CA GLY A 30 0.65 7.39 7.17
C GLY A 30 1.52 6.44 6.36
N HIS A 31 2.75 6.20 6.86
CA HIS A 31 3.66 5.24 6.24
C HIS A 31 3.11 3.82 6.33
N ALA A 32 2.69 3.43 7.55
CA ALA A 32 2.11 2.11 7.80
C ALA A 32 0.86 1.86 6.96
N TYR A 33 0.00 2.87 6.87
CA TYR A 33 -1.21 2.84 6.06
C TYR A 33 -0.88 2.54 4.59
N GLU A 34 0.17 3.16 4.09
CA GLU A 34 0.62 2.97 2.71
C GLU A 34 1.20 1.57 2.49
N TYR A 35 2.02 1.11 3.44
CA TYR A 35 2.70 -0.18 3.31
C TYR A 35 1.72 -1.35 3.34
N ILE A 36 0.75 -1.28 4.26
CA ILE A 36 -0.30 -2.29 4.37
C ILE A 36 -1.17 -2.33 3.11
N ALA A 37 -1.58 -1.15 2.63
CA ALA A 37 -2.41 -1.03 1.44
C ALA A 37 -1.74 -1.59 0.18
N THR A 38 -0.44 -1.29 0.04
CA THR A 38 0.34 -1.76 -1.10
C THR A 38 0.61 -3.27 -1.00
N ASP A 39 0.86 -3.74 0.22
CA ASP A 39 1.07 -5.17 0.49
C ASP A 39 -0.18 -5.97 0.11
N ALA A 40 -1.35 -5.43 0.43
CA ALA A 40 -2.62 -6.08 0.13
C ALA A 40 -2.80 -6.31 -1.37
N ILE A 41 -2.50 -5.28 -2.17
CA ILE A 41 -2.58 -5.38 -3.62
C ILE A 41 -1.52 -6.35 -4.17
N ALA A 42 -0.30 -6.26 -3.64
CA ALA A 42 0.80 -7.13 -4.04
C ALA A 42 0.55 -8.60 -3.73
N ARG A 43 -0.06 -8.86 -2.57
CA ARG A 43 -0.43 -10.23 -2.18
C ARG A 43 -1.60 -10.73 -3.03
N PHE A 44 -2.55 -9.84 -3.32
CA PHE A 44 -3.72 -10.18 -4.12
C PHE A 44 -3.33 -10.60 -5.52
N LYS A 45 -2.37 -9.89 -6.10
CA LYS A 45 -1.91 -10.17 -7.46
C LYS A 45 -1.18 -11.51 -7.55
N ARG A 46 -0.38 -11.83 -6.53
CA ARG A 46 0.33 -13.12 -6.46
C ARG A 46 -0.66 -14.29 -6.45
N LEU A 47 -1.69 -14.17 -5.61
CA LEU A 47 -2.72 -15.21 -5.47
C LEU A 47 -3.61 -15.29 -6.71
N ASP A 48 -3.63 -14.22 -7.50
CA ASP A 48 -4.39 -14.18 -8.75
C ASP A 48 -3.52 -14.63 -9.94
N GLY A 49 -2.29 -15.06 -9.65
CA GLY A 49 -1.41 -15.66 -10.64
C GLY A 49 -0.53 -14.71 -11.44
N TYR A 50 -0.08 -13.65 -10.79
CA TYR A 50 0.80 -12.66 -11.42
C TYR A 50 2.24 -12.82 -10.95
N ASP A 51 3.17 -12.38 -11.79
CA ASP A 51 4.58 -12.30 -11.40
C ASP A 51 4.83 -10.93 -10.77
N VAL A 52 4.89 -10.91 -9.44
CA VAL A 52 4.91 -9.65 -8.70
C VAL A 52 6.30 -9.26 -8.21
N ARG A 53 6.74 -8.06 -8.60
CA ARG A 53 7.86 -7.40 -7.96
C ARG A 53 7.33 -6.22 -7.14
N TYR A 54 7.72 -6.20 -5.86
CA TYR A 54 7.18 -5.25 -4.89
C TYR A 54 8.34 -4.48 -4.23
N LEU A 55 8.45 -3.20 -4.58
CA LEU A 55 9.52 -2.36 -4.07
C LEU A 55 9.04 -1.38 -3.00
N THR A 56 9.85 -1.23 -1.96
CA THR A 56 9.63 -0.25 -0.90
C THR A 56 11.01 0.17 -0.36
N GLY A 57 11.04 1.16 0.51
CA GLY A 57 12.30 1.56 1.13
C GLY A 57 12.37 2.98 1.66
N THR A 58 13.55 3.58 1.55
CA THR A 58 13.83 4.89 2.12
C THR A 58 14.58 5.82 1.17
N ASP A 59 14.41 7.12 1.37
CA ASP A 59 15.14 8.14 0.62
C ASP A 59 16.07 8.86 1.59
N VAL A 60 17.33 8.42 1.63
CA VAL A 60 18.27 8.79 2.68
C VAL A 60 19.02 10.12 2.48
N HIS A 61 18.99 10.63 1.24
CA HIS A 61 19.72 11.86 0.92
C HIS A 61 18.88 13.13 1.12
N GLY A 62 19.49 14.29 0.87
CA GLY A 62 18.81 15.57 0.96
C GLY A 62 19.24 16.43 2.13
N GLN A 63 18.83 17.71 2.10
CA GLN A 63 19.13 18.66 3.16
C GLN A 63 18.35 18.35 4.44
N LYS A 64 17.13 17.84 4.28
CA LYS A 64 16.28 17.43 5.39
C LYS A 64 16.99 16.39 6.27
N MET A 65 17.62 15.42 5.61
CA MET A 65 18.37 14.38 6.30
C MET A 65 19.69 14.89 6.89
N ALA A 66 20.37 15.74 6.14
CA ALA A 66 21.66 16.29 6.57
C ALA A 66 21.55 17.21 7.79
N GLU A 67 20.46 17.96 7.86
CA GLU A 67 20.20 18.86 8.99
C GLU A 67 19.85 18.10 10.27
N THR A 68 18.98 17.10 10.15
CA THR A 68 18.57 16.26 11.27
C THR A 68 19.77 15.47 11.84
N ALA A 69 20.70 15.11 10.96
CA ALA A 69 21.93 14.45 11.37
C ALA A 69 22.87 15.38 12.12
N ALA A 70 22.98 16.62 11.63
CA ALA A 70 23.80 17.65 12.28
C ALA A 70 23.20 18.12 13.60
N LYS A 71 21.87 18.13 13.69
CA LYS A 71 21.16 18.52 14.91
C LYS A 71 21.34 17.46 16.00
N GLU A 72 21.46 16.21 15.59
CA GLU A 72 21.69 15.11 16.52
C GLU A 72 23.18 14.80 16.67
N GLY A 73 24.02 15.61 16.03
CA GLY A 73 25.47 15.51 16.15
C GLY A 73 26.08 14.20 15.69
N ILE A 74 25.51 13.62 14.63
CA ILE A 74 26.03 12.39 14.03
C ILE A 74 26.16 12.54 12.51
N PRO A 75 27.02 11.72 11.87
CA PRO A 75 27.13 11.75 10.40
C PRO A 75 25.80 11.46 9.71
N ALA A 76 25.62 12.01 8.51
CA ALA A 76 24.40 11.80 7.72
C ALA A 76 24.22 10.33 7.32
N ALA A 77 25.33 9.67 7.02
CA ALA A 77 25.32 8.25 6.67
C ALA A 77 24.97 7.34 7.85
N GLU A 78 25.29 7.81 9.06
CA GLU A 78 24.96 7.08 10.29
C GLU A 78 23.47 7.14 10.59
N LEU A 79 22.87 8.32 10.38
CA LEU A 79 21.43 8.50 10.53
C LEU A 79 20.68 7.71 9.45
N ALA A 80 21.28 7.65 8.27
CA ALA A 80 20.71 6.94 7.12
C ALA A 80 20.47 5.47 7.41
N ARG A 81 21.49 4.78 7.92
CA ARG A 81 21.39 3.35 8.26
C ARG A 81 20.47 3.11 9.45
N ARG A 82 20.73 3.83 10.55
CA ARG A 82 20.01 3.63 11.81
C ARG A 82 18.50 3.76 11.65
N ASN A 83 18.05 4.86 11.05
CA ASN A 83 16.62 5.12 10.88
C ASN A 83 15.96 4.28 9.78
N SER A 84 16.75 3.88 8.78
CA SER A 84 16.26 2.97 7.74
C SER A 84 16.04 1.56 8.29
N ASP A 85 16.92 1.16 9.22
CA ASP A 85 16.76 -0.10 9.96
C ASP A 85 15.48 -0.11 10.78
N VAL A 86 15.12 1.05 11.33
CA VAL A 86 13.87 1.23 12.05
C VAL A 86 12.67 1.11 11.10
N PHE A 87 12.77 1.77 9.95
CA PHE A 87 11.72 1.72 8.93
C PHE A 87 11.52 0.31 8.36
N GLN A 88 12.62 -0.42 8.19
CA GLN A 88 12.57 -1.79 7.66
C GLN A 88 11.97 -2.76 8.66
N ARG A 89 12.29 -2.59 9.94
CA ARG A 89 11.77 -3.45 11.01
C ARG A 89 10.27 -3.27 11.22
N LEU A 90 9.78 -2.04 11.02
CA LEU A 90 8.35 -1.77 11.07
C LEU A 90 7.62 -2.59 10.01
N GLN A 91 8.14 -2.57 8.79
CA GLN A 91 7.56 -3.30 7.67
C GLN A 91 7.62 -4.82 7.88
N GLU A 92 8.70 -5.28 8.53
CA GLU A 92 8.82 -6.67 8.92
C GLU A 92 7.77 -7.04 9.96
N LYS A 93 7.53 -6.14 10.91
CA LYS A 93 6.50 -6.30 11.93
C LYS A 93 5.09 -6.23 11.31
N LEU A 94 4.93 -5.37 10.31
CA LEU A 94 3.67 -5.24 9.57
C LEU A 94 3.45 -6.40 8.58
N ASN A 95 4.43 -7.32 8.53
CA ASN A 95 4.39 -8.48 7.63
C ASN A 95 4.25 -8.08 6.16
N ILE A 96 5.05 -7.11 5.74
CA ILE A 96 5.06 -6.65 4.35
C ILE A 96 5.89 -7.60 3.50
N SER A 97 5.29 -8.10 2.42
CA SER A 97 5.93 -9.06 1.53
C SER A 97 6.68 -8.39 0.39
N PHE A 98 7.51 -7.40 0.74
CA PHE A 98 8.35 -6.72 -0.26
C PHE A 98 9.49 -7.61 -0.72
N ASP A 99 9.84 -7.48 -2.01
CA ASP A 99 10.93 -8.26 -2.59
C ASP A 99 12.28 -7.62 -2.29
N ARG A 100 12.33 -6.29 -2.30
CA ARG A 100 13.54 -5.55 -1.96
C ARG A 100 13.20 -4.27 -1.17
N PHE A 101 13.94 -4.06 -0.08
CA PHE A 101 13.88 -2.80 0.67
C PHE A 101 15.01 -1.91 0.20
N ILE A 102 14.70 -1.03 -0.76
CA ILE A 102 15.71 -0.19 -1.39
C ILE A 102 16.10 1.01 -0.52
N ARG A 103 17.37 1.40 -0.60
CA ARG A 103 17.89 2.58 0.07
C ARG A 103 18.70 3.36 -0.95
N THR A 104 18.44 4.66 -1.06
CA THR A 104 19.08 5.49 -2.10
C THR A 104 20.61 5.59 -1.96
N SER A 105 21.14 5.08 -0.85
CA SER A 105 22.59 5.01 -0.62
C SER A 105 23.23 3.77 -1.25
N ASP A 106 22.41 2.87 -1.79
CA ASP A 106 22.89 1.64 -2.41
C ASP A 106 23.76 1.93 -3.64
N ALA A 107 24.75 1.07 -3.86
CA ALA A 107 25.70 1.24 -4.96
C ALA A 107 25.03 1.20 -6.34
N ASP A 108 24.13 0.24 -6.53
CA ASP A 108 23.43 0.08 -7.80
C ASP A 108 22.47 1.23 -8.11
N HIS A 109 22.10 1.99 -7.07
CA HIS A 109 21.27 3.17 -7.24
C HIS A 109 22.05 4.37 -7.75
N TYR A 110 23.30 4.50 -7.29
CA TYR A 110 24.20 5.54 -7.76
C TYR A 110 24.44 5.47 -9.27
N GLU A 111 24.58 4.25 -9.79
CA GLU A 111 24.76 4.03 -11.22
C GLU A 111 23.50 4.36 -12.01
N ALA A 112 22.35 4.06 -11.42
CA ALA A 112 21.05 4.29 -12.06
C ALA A 112 20.71 5.79 -12.14
N SER A 113 21.01 6.52 -11.07
CA SER A 113 20.80 7.97 -11.02
C SER A 113 21.69 8.70 -12.02
N LYS A 114 22.94 8.24 -12.15
CA LYS A 114 23.90 8.81 -13.10
C LYS A 114 23.55 8.43 -14.54
N ALA A 115 22.84 7.31 -14.71
CA ALA A 115 22.42 6.85 -16.03
C ALA A 115 21.26 7.67 -16.58
N ILE A 116 20.24 7.88 -15.77
CA ILE A 116 19.07 8.69 -16.16
C ILE A 116 19.46 10.14 -16.41
N TRP A 117 20.43 10.64 -15.62
CA TRP A 117 20.98 11.97 -15.80
C TRP A 117 21.63 12.11 -17.18
N LYS A 118 22.45 11.13 -17.54
CA LYS A 118 23.14 11.12 -18.83
C LYS A 118 22.14 11.10 -19.99
N ARG A 119 21.12 10.25 -19.87
CA ARG A 119 20.05 10.14 -20.86
C ARG A 119 19.37 11.50 -21.10
N MET A 120 18.99 12.17 -20.02
CA MET A 120 18.30 13.47 -20.10
C MET A 120 19.21 14.57 -20.65
N ALA A 121 20.50 14.50 -20.30
CA ALA A 121 21.48 15.48 -20.75
C ALA A 121 21.81 15.32 -22.24
N ASP A 122 21.87 14.07 -22.69
CA ASP A 122 22.11 13.76 -24.10
C ASP A 122 20.92 14.15 -24.98
N ALA A 123 19.72 14.11 -24.40
CA ALA A 123 18.51 14.55 -25.08
C ALA A 123 18.44 16.08 -25.18
N GLY A 124 19.31 16.75 -24.43
CA GLY A 124 19.43 18.21 -24.46
C GLY A 124 18.47 18.91 -23.51
N ASP A 125 18.05 18.20 -22.47
CA ASP A 125 17.08 18.72 -21.51
C ASP A 125 17.72 19.28 -20.24
N ILE A 126 19.04 19.17 -20.12
CA ILE A 126 19.77 19.71 -18.98
C ILE A 126 20.76 20.80 -19.40
N TYR A 127 20.63 21.97 -18.77
CA TYR A 127 21.52 23.11 -19.04
C TYR A 127 21.93 23.82 -17.76
N LEU A 128 23.10 24.46 -17.79
CA LEU A 128 23.61 25.20 -16.65
C LEU A 128 23.04 26.62 -16.64
N ASP A 129 22.51 27.02 -15.48
CA ASP A 129 21.97 28.37 -15.29
C ASP A 129 21.84 28.71 -13.81
N ALA A 130 22.02 29.98 -13.47
CA ALA A 130 21.95 30.42 -12.08
C ALA A 130 20.51 30.38 -11.55
N TYR A 131 20.31 29.63 -10.47
CA TYR A 131 19.00 29.57 -9.81
C TYR A 131 18.90 30.60 -8.70
N LYS A 132 17.78 31.31 -8.69
CA LYS A 132 17.46 32.26 -7.63
C LYS A 132 16.00 32.08 -7.22
N GLY A 133 15.79 31.64 -5.98
CA GLY A 133 14.45 31.38 -5.47
C GLY A 133 14.41 30.75 -4.09
N TRP A 134 13.19 30.49 -3.60
CA TRP A 134 12.98 29.92 -2.28
C TRP A 134 12.94 28.39 -2.33
N TYR A 135 13.46 27.75 -1.27
CA TYR A 135 13.48 26.30 -1.18
C TYR A 135 13.04 25.82 0.20
N SER A 136 12.00 24.99 0.21
CA SER A 136 11.53 24.36 1.45
C SER A 136 12.32 23.08 1.70
N ILE A 137 12.96 23.01 2.86
CA ILE A 137 13.80 21.87 3.23
C ILE A 137 12.96 20.71 3.78
N ARG A 138 11.89 21.04 4.50
CA ARG A 138 10.96 20.04 5.03
C ARG A 138 10.21 19.31 3.90
N ASP A 139 9.85 20.05 2.86
CA ASP A 139 9.17 19.47 1.70
C ASP A 139 10.17 18.99 0.65
N GLU A 140 11.40 19.50 0.72
CA GLU A 140 12.43 19.29 -0.30
C GLU A 140 11.92 19.76 -1.66
N ARG A 141 11.35 20.96 -1.67
CA ARG A 141 10.56 21.46 -2.79
C ARG A 141 10.88 22.93 -3.09
N PHE A 142 10.87 23.26 -4.38
CA PHE A 142 11.09 24.64 -4.82
C PHE A 142 9.80 25.43 -4.84
N PHE A 143 9.89 26.73 -4.54
CA PHE A 143 8.74 27.63 -4.55
C PHE A 143 9.10 28.99 -5.17
N THR A 144 8.14 29.60 -5.85
CA THR A 144 8.33 30.92 -6.46
C THR A 144 7.96 32.03 -5.48
N GLU A 145 8.28 33.28 -5.86
CA GLU A 145 8.00 34.46 -5.04
C GLU A 145 6.52 34.59 -4.66
N ASN A 146 5.64 34.40 -5.64
CA ASN A 146 4.20 34.46 -5.43
C ASN A 146 3.66 33.31 -4.58
N GLU A 147 4.32 32.16 -4.69
CA GLU A 147 3.94 30.97 -3.92
C GLU A 147 4.39 31.03 -2.46
N THR A 148 5.01 32.14 -2.07
CA THR A 148 5.47 32.34 -0.70
C THR A 148 4.77 33.52 -0.04
N THR A 149 4.54 33.40 1.27
CA THR A 149 3.91 34.46 2.06
C THR A 149 4.89 35.04 3.08
N GLU A 150 5.02 36.37 3.07
CA GLU A 150 5.92 37.06 3.98
C GLU A 150 5.25 37.29 5.34
N GLN A 151 5.78 36.61 6.36
CA GLN A 151 5.23 36.65 7.71
C GLN A 151 5.58 37.94 8.45
N PRO A 152 4.72 38.38 9.39
CA PRO A 152 4.97 39.56 10.23
C PRO A 152 6.22 39.45 11.10
N ASP A 153 6.70 38.22 11.33
CA ASP A 153 7.93 37.99 12.10
C ASP A 153 9.20 38.24 11.27
N GLY A 154 9.06 38.23 9.95
CA GLY A 154 10.17 38.51 9.04
C GLY A 154 10.49 37.38 8.08
N THR A 155 10.50 36.16 8.59
CA THR A 155 10.82 34.97 7.80
C THR A 155 9.76 34.64 6.76
N ARG A 156 10.15 33.86 5.76
CA ARG A 156 9.27 33.49 4.66
C ARG A 156 8.82 32.03 4.77
N ILE A 157 7.54 31.80 4.48
CA ILE A 157 6.97 30.45 4.47
C ILE A 157 6.34 30.11 3.13
N ALA A 158 6.20 28.81 2.85
CA ALA A 158 5.48 28.35 1.67
C ALA A 158 3.98 28.44 1.93
N THR A 159 3.25 29.04 1.00
CA THR A 159 1.81 29.26 1.16
C THR A 159 1.03 27.94 1.29
N GLU A 160 1.32 27.00 0.41
CA GLU A 160 0.60 25.72 0.34
C GLU A 160 0.81 24.84 1.58
N THR A 161 2.07 24.60 1.94
CA THR A 161 2.40 23.68 3.04
C THR A 161 2.54 24.37 4.40
N GLY A 162 2.97 25.63 4.39
CA GLY A 162 3.20 26.38 5.62
C GLY A 162 4.59 26.14 6.20
N ALA A 163 5.48 25.58 5.39
CA ALA A 163 6.84 25.26 5.81
C ALA A 163 7.79 26.45 5.58
N PRO A 164 8.81 26.60 6.45
CA PRO A 164 9.82 27.66 6.26
C PRO A 164 10.66 27.44 5.01
N VAL A 165 10.81 28.50 4.21
CA VAL A 165 11.63 28.44 2.99
C VAL A 165 12.92 29.26 3.12
N THR A 166 13.97 28.78 2.47
CA THR A 166 15.28 29.40 2.52
C THR A 166 15.67 29.95 1.15
N TRP A 167 16.16 31.19 1.13
CA TRP A 167 16.59 31.83 -0.11
C TRP A 167 17.85 31.16 -0.66
N THR A 168 17.77 30.73 -1.92
CA THR A 168 18.83 29.97 -2.56
C THR A 168 19.35 30.69 -3.80
N GLU A 169 20.67 30.91 -3.83
CA GLU A 169 21.34 31.51 -4.98
C GLU A 169 22.57 30.69 -5.37
N GLU A 170 22.37 29.74 -6.28
CA GLU A 170 23.42 28.83 -6.72
C GLU A 170 23.43 28.68 -8.23
N GLN A 171 24.62 28.47 -8.79
CA GLN A 171 24.76 28.06 -10.18
C GLN A 171 24.40 26.57 -10.23
N THR A 172 23.22 26.27 -10.77
CA THR A 172 22.70 24.90 -10.79
C THR A 172 22.37 24.42 -12.20
N TYR A 173 22.05 23.13 -12.32
CA TYR A 173 21.57 22.56 -13.57
C TYR A 173 20.05 22.55 -13.58
N PHE A 174 19.48 22.84 -14.74
CA PHE A 174 18.03 22.92 -14.91
C PHE A 174 17.51 21.87 -15.86
N PHE A 175 16.33 21.32 -15.54
CA PHE A 175 15.61 20.44 -16.46
C PHE A 175 14.57 21.23 -17.22
N ARG A 176 14.53 21.04 -18.53
CA ARG A 176 13.64 21.79 -19.41
C ARG A 176 12.19 21.29 -19.29
N LEU A 177 11.61 21.46 -18.10
CA LEU A 177 10.24 21.04 -17.81
C LEU A 177 9.22 21.80 -18.65
N SER A 178 9.50 23.08 -18.91
CA SER A 178 8.62 23.95 -19.69
C SER A 178 8.38 23.43 -21.11
N ALA A 179 9.25 22.54 -21.58
CA ALA A 179 9.16 21.95 -22.90
C ALA A 179 8.18 20.77 -22.98
N TYR A 180 7.72 20.30 -21.83
CA TYR A 180 6.88 19.10 -21.77
C TYR A 180 5.43 19.36 -21.34
N THR A 181 5.09 20.62 -21.14
CA THR A 181 3.75 21.02 -20.69
C THR A 181 2.63 20.37 -21.51
N ASP A 182 2.63 20.59 -22.82
CA ASP A 182 1.56 20.06 -23.69
C ASP A 182 1.66 18.55 -23.91
N ARG A 183 2.88 18.02 -23.85
CA ARG A 183 3.10 16.58 -23.98
C ARG A 183 2.60 15.83 -22.73
N LEU A 184 2.59 16.54 -21.59
CA LEU A 184 2.04 16.01 -20.35
C LEU A 184 0.51 16.10 -20.31
N LEU A 185 -0.03 17.17 -20.87
CA LEU A 185 -1.48 17.37 -20.93
C LEU A 185 -2.17 16.38 -21.86
N ALA A 186 -1.46 15.96 -22.91
CA ALA A 186 -1.97 14.97 -23.84
C ALA A 186 -2.01 13.60 -23.17
N LEU A 187 -1.01 13.33 -22.33
CA LEU A 187 -0.94 12.10 -21.54
C LEU A 187 -2.15 11.92 -20.62
N TYR A 188 -2.57 13.01 -19.97
CA TYR A 188 -3.72 12.97 -19.06
C TYR A 188 -5.03 12.75 -19.81
N GLU A 189 -5.10 13.24 -21.05
CA GLU A 189 -6.30 13.11 -21.88
C GLU A 189 -6.40 11.72 -22.52
N GLU A 190 -5.28 11.25 -23.07
CA GLU A 190 -5.21 9.93 -23.71
C GLU A 190 -5.25 8.78 -22.69
N HIS A 191 -4.55 8.97 -21.58
CA HIS A 191 -4.50 7.98 -20.50
C HIS A 191 -4.93 8.60 -19.17
N PRO A 192 -6.25 8.68 -18.92
CA PRO A 192 -6.74 9.24 -17.66
C PRO A 192 -6.45 8.33 -16.46
N GLU A 193 -6.15 7.07 -16.71
CA GLU A 193 -5.82 6.11 -15.65
C GLU A 193 -4.46 6.39 -15.01
N PHE A 194 -3.69 7.29 -15.63
CA PHE A 194 -2.36 7.68 -15.15
C PHE A 194 -2.38 8.29 -13.75
N ILE A 195 -3.41 9.07 -13.45
CA ILE A 195 -3.57 9.67 -12.11
C ILE A 195 -4.89 9.23 -11.49
N GLY A 196 -4.83 8.81 -10.23
CA GLY A 196 -6.01 8.36 -9.49
C GLY A 196 -5.96 8.80 -8.03
N PRO A 197 -7.13 9.09 -7.44
CA PRO A 197 -8.46 9.08 -8.05
C PRO A 197 -8.68 10.24 -9.03
N ASP A 198 -9.83 10.22 -9.72
CA ASP A 198 -10.19 11.24 -10.71
C ASP A 198 -9.96 12.68 -10.22
N ALA A 199 -10.29 12.93 -8.95
CA ALA A 199 -10.16 14.24 -8.33
C ALA A 199 -8.72 14.78 -8.40
N ARG A 200 -7.75 13.89 -8.17
CA ARG A 200 -6.34 14.25 -8.23
C ARG A 200 -5.91 14.60 -9.65
N ARG A 201 -6.39 13.84 -10.63
CA ARG A 201 -6.05 14.07 -12.03
C ARG A 201 -6.47 15.47 -12.49
N ASN A 202 -7.71 15.85 -12.19
CA ASN A 202 -8.23 17.16 -12.56
C ASN A 202 -7.43 18.32 -11.96
N GLU A 203 -7.00 18.15 -10.71
CA GLU A 203 -6.12 19.10 -10.04
C GLU A 203 -4.79 19.27 -10.77
N ILE A 204 -4.22 18.16 -11.22
CA ILE A 204 -2.95 18.17 -11.95
C ILE A 204 -3.13 18.79 -13.34
N VAL A 205 -4.25 18.49 -13.99
CA VAL A 205 -4.57 19.06 -15.30
C VAL A 205 -4.56 20.59 -15.26
N SER A 206 -5.24 21.17 -14.26
CA SER A 206 -5.31 22.62 -14.11
C SER A 206 -3.97 23.25 -13.71
N PHE A 207 -3.16 22.49 -12.95
CA PHE A 207 -1.83 22.94 -12.53
C PHE A 207 -0.86 23.04 -13.71
N VAL A 208 -0.91 22.04 -14.59
CA VAL A 208 -0.05 22.00 -15.78
C VAL A 208 -0.57 22.96 -16.85
N SER A 209 -1.88 23.11 -16.94
CA SER A 209 -2.53 24.02 -17.89
C SER A 209 -2.07 25.48 -17.72
N GLY A 210 -1.73 25.86 -16.49
CA GLY A 210 -1.24 27.21 -16.19
C GLY A 210 0.22 27.43 -16.54
N GLY A 211 0.80 26.52 -17.33
CA GLY A 211 2.19 26.62 -17.75
C GLY A 211 3.16 26.09 -16.70
N LEU A 212 4.26 25.50 -17.17
CA LEU A 212 5.27 24.95 -16.28
C LEU A 212 6.59 25.72 -16.39
N LYS A 213 7.27 25.87 -15.25
CA LYS A 213 8.60 26.49 -15.22
C LYS A 213 9.69 25.42 -15.12
N ASP A 214 10.90 25.79 -15.55
CA ASP A 214 12.03 24.86 -15.52
C ASP A 214 12.47 24.52 -14.09
N LEU A 215 12.85 23.27 -13.89
CA LEU A 215 13.15 22.74 -12.56
C LEU A 215 14.66 22.61 -12.34
N SER A 216 15.13 23.14 -11.20
CA SER A 216 16.52 22.97 -10.79
C SER A 216 16.74 21.54 -10.30
N ILE A 217 17.74 20.87 -10.86
CA ILE A 217 17.97 19.44 -10.60
C ILE A 217 19.35 19.10 -10.01
N SER A 218 20.12 20.13 -9.65
CA SER A 218 21.39 19.96 -8.96
C SER A 218 21.59 21.02 -7.89
N ARG A 219 22.48 20.73 -6.93
CA ARG A 219 22.81 21.67 -5.86
C ARG A 219 24.32 21.70 -5.59
N THR A 220 24.80 22.80 -5.01
CA THR A 220 26.24 23.00 -4.78
C THR A 220 26.63 23.30 -3.34
N THR A 221 25.67 23.74 -2.53
CA THR A 221 25.94 24.14 -1.13
C THR A 221 26.19 22.99 -0.17
N PHE A 222 25.71 21.79 -0.52
CA PHE A 222 25.94 20.59 0.30
C PHE A 222 26.43 19.43 -0.56
N ASP A 223 26.99 18.41 0.08
CA ASP A 223 27.54 17.26 -0.64
C ASP A 223 26.89 15.92 -0.24
N TRP A 224 25.84 15.97 0.57
CA TRP A 224 25.09 14.77 0.94
C TRP A 224 24.01 14.47 -0.11
N GLY A 225 24.41 13.68 -1.10
CA GLY A 225 23.55 13.33 -2.23
C GLY A 225 24.35 12.67 -3.34
N VAL A 226 23.68 12.32 -4.43
CA VAL A 226 24.32 11.67 -5.56
C VAL A 226 25.07 12.70 -6.41
N PRO A 227 26.40 12.51 -6.58
CA PRO A 227 27.22 13.43 -7.36
C PRO A 227 26.91 13.37 -8.85
N VAL A 228 26.81 14.53 -9.49
CA VAL A 228 26.58 14.64 -10.92
C VAL A 228 27.81 14.17 -11.70
N PRO A 229 27.62 13.25 -12.67
CA PRO A 229 28.74 12.76 -13.49
C PRO A 229 29.45 13.90 -14.23
N ASP A 230 30.78 13.87 -14.18
CA ASP A 230 31.65 14.90 -14.79
C ASP A 230 31.67 16.24 -14.02
N HIS A 231 30.85 16.34 -12.98
CA HIS A 231 30.79 17.55 -12.16
C HIS A 231 30.67 17.23 -10.66
N PRO A 232 31.82 16.92 -10.01
CA PRO A 232 31.86 16.50 -8.60
C PRO A 232 31.36 17.56 -7.62
N ASP A 233 31.46 18.83 -8.01
CA ASP A 233 31.02 19.95 -7.17
C ASP A 233 29.48 20.07 -7.09
N HIS A 234 28.79 19.32 -7.94
CA HIS A 234 27.33 19.29 -7.99
C HIS A 234 26.74 17.99 -7.44
N VAL A 235 25.68 18.11 -6.66
CA VAL A 235 24.90 16.94 -6.20
C VAL A 235 23.49 16.98 -6.76
N MET A 236 22.95 15.81 -7.09
CA MET A 236 21.61 15.71 -7.68
C MET A 236 20.53 16.11 -6.68
N TYR A 237 19.51 16.80 -7.20
CA TYR A 237 18.31 17.14 -6.44
C TYR A 237 17.70 15.85 -5.90
N VAL A 238 17.50 15.82 -4.58
CA VAL A 238 17.03 14.63 -3.87
C VAL A 238 15.88 13.89 -4.55
N TRP A 239 14.99 14.62 -5.22
CA TRP A 239 13.85 14.02 -5.90
C TRP A 239 14.23 13.28 -7.20
N VAL A 240 15.17 13.83 -7.95
CA VAL A 240 15.71 13.14 -9.13
C VAL A 240 16.39 11.85 -8.68
N ASP A 241 17.10 11.94 -7.56
CA ASP A 241 17.70 10.78 -6.89
C ASP A 241 16.62 9.81 -6.41
N ALA A 242 15.60 10.35 -5.72
CA ALA A 242 14.55 9.53 -5.10
C ALA A 242 13.70 8.77 -6.11
N LEU A 243 13.22 9.48 -7.13
CA LEU A 243 12.30 8.90 -8.12
C LEU A 243 12.91 7.77 -8.93
N THR A 244 14.22 7.83 -9.16
CA THR A 244 14.94 6.82 -9.94
C THR A 244 14.96 5.44 -9.26
N ASN A 245 14.65 5.40 -7.96
CA ASN A 245 14.60 4.14 -7.21
C ASN A 245 13.71 3.08 -7.87
N TYR A 246 12.58 3.53 -8.42
CA TYR A 246 11.63 2.66 -9.10
C TYR A 246 12.26 1.96 -10.31
N LEU A 247 13.24 2.61 -10.91
CA LEU A 247 14.03 2.02 -11.98
C LEU A 247 15.10 1.09 -11.39
N THR A 248 15.78 1.57 -10.34
CA THR A 248 16.85 0.81 -9.69
C THR A 248 16.35 -0.54 -9.16
N GLY A 249 15.12 -0.55 -8.63
CA GLY A 249 14.50 -1.76 -8.10
C GLY A 249 14.21 -2.84 -9.13
N VAL A 250 14.33 -2.49 -10.41
CA VAL A 250 14.17 -3.46 -11.51
C VAL A 250 15.39 -3.57 -12.43
N GLY A 251 16.56 -3.22 -11.91
CA GLY A 251 17.84 -3.49 -12.59
C GLY A 251 18.38 -2.42 -13.52
N PHE A 252 17.96 -1.17 -13.32
CA PHE A 252 18.51 -0.03 -14.05
C PHE A 252 19.95 0.18 -13.56
N PRO A 253 20.88 0.61 -14.46
CA PRO A 253 20.76 1.07 -15.85
C PRO A 253 20.68 -0.04 -16.91
N ASP A 254 20.90 -1.29 -16.51
CA ASP A 254 20.87 -2.41 -17.44
C ASP A 254 19.47 -2.61 -18.01
N THR A 255 19.19 -1.95 -19.13
CA THR A 255 17.88 -2.00 -19.79
C THR A 255 17.67 -3.30 -20.58
N GLU A 256 18.76 -4.03 -20.81
CA GLU A 256 18.70 -5.31 -21.50
C GLU A 256 18.43 -6.47 -20.54
N SER A 257 18.54 -6.20 -19.24
CA SER A 257 18.33 -7.21 -18.19
C SER A 257 16.90 -7.77 -18.19
N GLU A 258 16.74 -8.97 -17.63
CA GLU A 258 15.44 -9.63 -17.55
C GLU A 258 14.46 -8.88 -16.65
N SER A 259 14.97 -8.32 -15.55
CA SER A 259 14.16 -7.59 -14.59
C SER A 259 13.53 -6.33 -15.19
N PHE A 260 14.32 -5.57 -15.97
CA PHE A 260 13.85 -4.32 -16.55
C PHE A 260 12.88 -4.53 -17.71
N ARG A 261 13.22 -5.45 -18.61
CA ARG A 261 12.40 -5.72 -19.80
C ARG A 261 11.02 -6.27 -19.43
N ARG A 262 10.94 -6.95 -18.28
CA ARG A 262 9.71 -7.60 -17.84
C ARG A 262 8.84 -6.71 -16.93
N TYR A 263 9.45 -6.10 -15.90
CA TYR A 263 8.70 -5.34 -14.90
C TYR A 263 8.45 -3.88 -15.26
N TRP A 264 9.38 -3.24 -15.97
CA TRP A 264 9.19 -1.85 -16.37
C TRP A 264 8.38 -1.76 -17.67
N PRO A 265 7.41 -0.82 -17.72
CA PRO A 265 7.06 0.19 -16.72
C PRO A 265 6.19 -0.33 -15.58
N ALA A 266 6.29 0.34 -14.43
CA ALA A 266 5.52 0.00 -13.23
C ALA A 266 4.01 0.07 -13.49
N ASP A 267 3.29 -0.88 -12.90
CA ASP A 267 1.84 -0.92 -13.06
C ASP A 267 1.14 0.04 -12.13
N LEU A 268 1.74 0.27 -10.95
CA LEU A 268 1.16 1.17 -9.95
C LEU A 268 2.21 1.78 -9.02
N HIS A 269 2.20 3.11 -8.93
CA HIS A 269 2.95 3.83 -7.91
C HIS A 269 2.00 4.22 -6.78
N MET A 270 2.22 3.66 -5.60
CA MET A 270 1.40 3.96 -4.43
C MET A 270 2.06 5.07 -3.62
N ILE A 271 1.39 6.22 -3.56
CA ILE A 271 1.93 7.40 -2.88
C ILE A 271 0.86 8.14 -2.07
N GLY A 272 1.31 8.97 -1.13
CA GLY A 272 0.41 9.91 -0.45
C GLY A 272 0.17 11.12 -1.33
N LYS A 273 -0.94 11.82 -1.08
CA LYS A 273 -1.38 12.93 -1.93
C LYS A 273 -0.50 14.19 -1.87
N ASP A 274 0.36 14.27 -0.85
CA ASP A 274 1.22 15.44 -0.66
C ASP A 274 2.44 15.47 -1.58
N ILE A 275 2.73 14.34 -2.23
CA ILE A 275 3.87 14.22 -3.14
C ILE A 275 3.43 13.81 -4.55
N ILE A 276 2.24 14.23 -4.93
CA ILE A 276 1.62 13.85 -6.21
C ILE A 276 2.21 14.56 -7.43
N ARG A 277 2.63 15.81 -7.24
CA ARG A 277 3.21 16.61 -8.33
C ARG A 277 4.52 16.02 -8.82
N PHE A 278 5.32 15.49 -7.90
CA PHE A 278 6.59 14.85 -8.23
C PHE A 278 6.39 13.63 -9.12
N HIS A 279 5.36 12.85 -8.82
CA HIS A 279 5.10 11.58 -9.49
C HIS A 279 4.30 11.70 -10.78
N THR A 280 3.48 12.74 -10.89
CA THR A 280 2.58 12.91 -12.04
C THR A 280 3.02 14.01 -13.00
N VAL A 281 3.91 14.89 -12.55
CA VAL A 281 4.43 15.96 -13.40
C VAL A 281 5.93 15.76 -13.71
N TYR A 282 6.76 15.77 -12.69
CA TYR A 282 8.21 15.67 -12.87
C TYR A 282 8.67 14.30 -13.38
N TRP A 283 8.22 13.25 -12.71
CA TRP A 283 8.62 11.86 -13.00
C TRP A 283 8.33 11.40 -14.44
N PRO A 284 7.10 11.66 -14.96
CA PRO A 284 6.88 11.28 -16.35
C PRO A 284 7.69 12.10 -17.34
N ALA A 285 7.88 13.38 -17.04
CA ALA A 285 8.68 14.26 -17.90
C ALA A 285 10.14 13.81 -17.95
N PHE A 286 10.66 13.34 -16.81
CA PHE A 286 12.02 12.78 -16.75
C PHE A 286 12.13 11.55 -17.64
N LEU A 287 11.13 10.67 -17.56
CA LEU A 287 11.12 9.43 -18.32
C LEU A 287 10.90 9.66 -19.82
N MET A 288 10.11 10.67 -20.16
CA MET A 288 9.92 11.09 -21.54
C MET A 288 11.25 11.56 -22.14
N SER A 289 12.01 12.31 -21.33
CA SER A 289 13.32 12.84 -21.72
C SER A 289 14.36 11.74 -21.85
N ALA A 290 14.31 10.76 -20.94
CA ALA A 290 15.25 9.65 -20.92
C ALA A 290 14.96 8.60 -22.00
N GLY A 291 13.78 8.69 -22.60
CA GLY A 291 13.34 7.72 -23.61
C GLY A 291 12.93 6.41 -22.98
N LEU A 292 12.23 6.50 -21.85
CA LEU A 292 11.78 5.32 -21.12
C LEU A 292 10.26 5.32 -21.00
N PRO A 293 9.64 4.12 -21.04
CA PRO A 293 8.19 4.00 -20.93
C PRO A 293 7.66 4.52 -19.59
N LEU A 294 6.49 5.14 -19.62
CA LEU A 294 5.88 5.73 -18.43
C LEU A 294 5.08 4.69 -17.65
N PRO A 295 5.07 4.81 -16.30
CA PRO A 295 4.25 3.92 -15.47
C PRO A 295 2.77 4.04 -15.80
N LYS A 296 2.04 2.96 -15.63
CA LYS A 296 0.63 2.88 -16.04
C LYS A 296 -0.32 3.69 -15.14
N ARG A 297 -0.03 3.71 -13.84
CA ARG A 297 -0.91 4.36 -12.87
C ARG A 297 -0.17 4.86 -11.63
N ILE A 298 -0.50 6.07 -11.22
CA ILE A 298 -0.09 6.61 -9.94
C ILE A 298 -1.36 6.85 -9.11
N PHE A 299 -1.41 6.27 -7.91
CA PHE A 299 -2.56 6.44 -7.04
C PHE A 299 -2.20 7.06 -5.70
N ALA A 300 -2.89 8.14 -5.36
CA ALA A 300 -2.66 8.86 -4.11
C ALA A 300 -3.74 8.56 -3.07
N HIS A 301 -3.32 8.10 -1.91
CA HIS A 301 -4.22 7.82 -0.79
C HIS A 301 -4.27 9.00 0.17
N GLY A 302 -5.39 9.13 0.88
CA GLY A 302 -5.57 10.21 1.85
C GLY A 302 -4.76 10.04 3.13
N TRP A 303 -4.93 11.00 4.03
CA TRP A 303 -4.27 10.96 5.34
C TRP A 303 -5.19 10.37 6.40
N LEU A 304 -4.60 9.80 7.44
CA LEU A 304 -5.34 9.30 8.59
C LEU A 304 -5.05 10.16 9.82
N LEU A 305 -6.09 10.78 10.36
CA LEU A 305 -5.94 11.72 11.47
C LEU A 305 -6.69 11.27 12.71
N ASN A 306 -6.06 11.46 13.87
CA ASN A 306 -6.62 11.04 15.15
C ASN A 306 -7.77 11.93 15.63
N ARG A 307 -8.82 11.29 16.15
CA ARG A 307 -9.92 12.01 16.78
C ARG A 307 -9.72 12.05 18.29
N GLY A 308 -9.85 13.23 18.88
CA GLY A 308 -9.71 13.41 20.32
C GLY A 308 -8.28 13.63 20.76
N GLU A 309 -7.83 12.82 21.72
CA GLU A 309 -6.50 12.98 22.32
C GLU A 309 -5.46 11.99 21.75
N LYS A 310 -4.22 12.44 21.67
CA LYS A 310 -3.12 11.63 21.14
C LYS A 310 -2.76 10.49 22.09
N MET A 311 -2.65 10.80 23.38
CA MET A 311 -2.29 9.80 24.39
C MET A 311 -3.53 9.25 25.09
N SER A 312 -3.75 7.95 24.92
CA SER A 312 -4.85 7.25 25.55
C SER A 312 -4.55 6.94 27.02
N LYS A 313 -5.60 6.67 27.79
CA LYS A 313 -5.47 6.38 29.22
C LYS A 313 -5.26 4.89 29.50
N SER A 314 -5.35 4.07 28.45
CA SER A 314 -5.21 2.61 28.60
C SER A 314 -4.22 1.97 27.63
N ILE A 315 -4.15 2.49 26.39
CA ILE A 315 -3.32 1.89 25.35
C ILE A 315 -2.04 2.67 25.04
N GLY A 316 -2.02 3.95 25.44
CA GLY A 316 -0.87 4.82 25.20
C GLY A 316 -1.01 5.63 23.93
N ASN A 317 0.07 5.69 23.15
CA ASN A 317 0.10 6.47 21.91
C ASN A 317 -0.78 5.86 20.81
N VAL A 318 -1.78 6.63 20.39
CA VAL A 318 -2.77 6.17 19.40
C VAL A 318 -2.21 6.21 17.97
N VAL A 319 -1.34 7.18 17.70
CA VAL A 319 -0.79 7.38 16.34
C VAL A 319 0.50 6.58 16.09
N ASP A 320 0.97 5.86 17.10
CA ASP A 320 2.16 5.01 16.98
C ASP A 320 1.77 3.66 16.38
N PRO A 321 2.27 3.36 15.16
CA PRO A 321 1.92 2.12 14.47
C PRO A 321 2.33 0.87 15.25
N VAL A 322 3.54 0.90 15.81
CA VAL A 322 4.07 -0.20 16.61
C VAL A 322 3.18 -0.50 17.82
N ASN A 323 2.72 0.56 18.48
CA ASN A 323 1.83 0.43 19.65
C ASN A 323 0.50 -0.24 19.31
N LEU A 324 -0.10 0.16 18.20
CA LEU A 324 -1.39 -0.41 17.76
C LEU A 324 -1.30 -1.90 17.47
N VAL A 325 -0.20 -2.31 16.84
CA VAL A 325 0.04 -3.73 16.54
C VAL A 325 0.25 -4.55 17.82
N ASP A 326 0.96 -3.96 18.79
CA ASP A 326 1.15 -4.59 20.09
C ASP A 326 -0.16 -4.67 20.90
N THR A 327 -0.97 -3.62 20.77
CA THR A 327 -2.24 -3.50 21.50
C THR A 327 -3.32 -4.41 20.93
N PHE A 328 -3.62 -4.23 19.64
CA PHE A 328 -4.78 -4.85 19.01
C PHE A 328 -4.45 -6.11 18.21
N GLY A 329 -3.20 -6.24 17.79
CA GLY A 329 -2.79 -7.33 16.90
C GLY A 329 -2.63 -6.81 15.49
N LEU A 330 -1.71 -7.41 14.74
CA LEU A 330 -1.38 -6.97 13.40
C LEU A 330 -2.57 -6.98 12.44
N ASP A 331 -3.14 -8.16 12.23
CA ASP A 331 -4.23 -8.35 11.28
C ASP A 331 -5.46 -7.50 11.60
N GLN A 332 -5.66 -7.23 12.89
CA GLN A 332 -6.72 -6.34 13.35
C GLN A 332 -6.50 -4.91 12.85
N VAL A 333 -5.25 -4.45 12.93
CA VAL A 333 -4.88 -3.12 12.45
C VAL A 333 -4.93 -3.06 10.92
N ARG A 334 -4.37 -4.08 10.27
CA ARG A 334 -4.38 -4.19 8.81
C ARG A 334 -5.80 -4.08 8.24
N TYR A 335 -6.72 -4.85 8.83
CA TYR A 335 -8.12 -4.82 8.42
C TYR A 335 -8.77 -3.45 8.65
N PHE A 336 -8.62 -2.92 9.86
CA PHE A 336 -9.23 -1.65 10.24
C PHE A 336 -8.89 -0.51 9.27
N LEU A 337 -7.60 -0.34 8.99
CA LEU A 337 -7.13 0.76 8.14
C LEU A 337 -7.65 0.65 6.72
N LEU A 338 -7.80 -0.57 6.23
CA LEU A 338 -8.27 -0.80 4.87
C LEU A 338 -9.80 -0.79 4.76
N ARG A 339 -10.47 -1.06 5.88
CA ARG A 339 -11.94 -1.09 5.91
C ARG A 339 -12.57 0.28 6.24
N GLU A 340 -12.06 0.91 7.30
CA GLU A 340 -12.64 2.14 7.85
C GLU A 340 -12.70 3.29 6.84
N VAL A 341 -11.56 3.61 6.24
CA VAL A 341 -11.43 4.76 5.36
C VAL A 341 -11.52 4.33 3.90
N PRO A 342 -12.42 4.96 3.11
CA PRO A 342 -12.46 4.74 1.68
C PRO A 342 -11.14 5.14 1.07
N PHE A 343 -10.52 4.22 0.33
CA PHE A 343 -9.16 4.41 -0.17
C PHE A 343 -9.07 5.50 -1.24
N GLY A 344 -8.22 6.49 -0.99
CA GLY A 344 -8.10 7.66 -1.84
C GLY A 344 -8.58 8.93 -1.16
N GLN A 345 -9.43 8.75 -0.14
CA GLN A 345 -9.97 9.87 0.63
C GLN A 345 -9.26 10.00 1.98
N ASP A 346 -9.30 11.19 2.55
CA ASP A 346 -8.78 11.44 3.90
C ASP A 346 -9.73 10.86 4.94
N GLY A 347 -9.17 10.31 6.01
CA GLY A 347 -9.97 9.65 7.05
C GLY A 347 -9.58 9.98 8.47
N SER A 348 -10.44 9.58 9.40
CA SER A 348 -10.25 9.83 10.82
C SER A 348 -10.55 8.58 11.66
N TYR A 349 -9.85 8.44 12.78
CA TYR A 349 -9.99 7.29 13.66
C TYR A 349 -9.68 7.63 15.11
N ASN A 350 -10.24 6.85 16.03
CA ASN A 350 -9.89 6.92 17.44
C ASN A 350 -9.80 5.52 18.07
N GLU A 351 -9.60 5.47 19.39
CA GLU A 351 -9.49 4.21 20.11
C GLU A 351 -10.76 3.36 20.00
N ASP A 352 -11.91 4.01 20.11
CA ASP A 352 -13.21 3.32 20.07
C ASP A 352 -13.57 2.81 18.67
N ALA A 353 -13.12 3.53 17.64
CA ALA A 353 -13.35 3.13 16.25
C ALA A 353 -12.67 1.80 15.92
N ILE A 354 -11.44 1.63 16.40
CA ILE A 354 -10.70 0.38 16.23
C ILE A 354 -11.33 -0.76 17.03
N ILE A 355 -11.57 -0.51 18.33
CA ILE A 355 -12.19 -1.49 19.23
C ILE A 355 -13.52 -2.00 18.68
N GLY A 356 -14.38 -1.08 18.25
CA GLY A 356 -15.68 -1.40 17.67
C GLY A 356 -15.57 -2.28 16.43
N ARG A 357 -14.68 -1.90 15.52
CA ARG A 357 -14.46 -2.64 14.27
C ARG A 357 -13.86 -4.03 14.52
N VAL A 358 -12.89 -4.10 15.42
CA VAL A 358 -12.19 -5.36 15.77
C VAL A 358 -13.14 -6.37 16.42
N ASN A 359 -13.97 -5.90 17.35
CA ASN A 359 -14.88 -6.78 18.09
C ASN A 359 -16.11 -7.21 17.30
N ALA A 360 -16.62 -6.31 16.46
CA ALA A 360 -17.84 -6.60 15.69
C ALA A 360 -17.55 -7.38 14.41
N ASP A 361 -16.68 -6.83 13.56
CA ASP A 361 -16.42 -7.41 12.25
C ASP A 361 -15.55 -8.68 12.30
N LEU A 362 -14.48 -8.64 13.09
CA LEU A 362 -13.52 -9.74 13.12
C LEU A 362 -13.84 -10.77 14.18
N ALA A 363 -13.97 -10.34 15.43
CA ALA A 363 -14.17 -11.25 16.56
C ALA A 363 -15.52 -11.96 16.53
N ASN A 364 -16.56 -11.24 16.13
CA ASN A 364 -17.92 -11.79 16.12
C ASN A 364 -18.39 -12.28 14.75
N GLU A 365 -18.50 -11.35 13.79
CA GLU A 365 -19.03 -11.64 12.46
C GLU A 365 -18.26 -12.76 11.73
N LEU A 366 -16.93 -12.70 11.80
CA LEU A 366 -16.08 -13.69 11.14
C LEU A 366 -15.59 -14.76 12.12
N GLY A 367 -15.17 -14.33 13.30
CA GLY A 367 -14.60 -15.22 14.31
C GLY A 367 -15.56 -16.28 14.82
N ASN A 368 -16.71 -15.84 15.34
CA ASN A 368 -17.71 -16.74 15.90
C ASN A 368 -18.39 -17.65 14.87
N LEU A 369 -18.65 -17.12 13.67
CA LEU A 369 -19.20 -17.90 12.58
C LEU A 369 -18.27 -19.07 12.23
N ALA A 370 -16.97 -18.79 12.18
CA ALA A 370 -15.96 -19.81 11.91
C ALA A 370 -15.83 -20.79 13.06
N GLN A 371 -15.76 -20.27 14.28
CA GLN A 371 -15.56 -21.11 15.47
C GLN A 371 -16.73 -22.04 15.77
N ARG A 372 -17.95 -21.50 15.79
CA ARG A 372 -19.15 -22.30 16.06
C ARG A 372 -19.31 -23.45 15.06
N SER A 373 -19.13 -23.15 13.78
CA SER A 373 -19.23 -24.15 12.72
C SER A 373 -18.13 -25.19 12.80
N LEU A 374 -16.91 -24.75 13.10
CA LEU A 374 -15.77 -25.65 13.25
C LEU A 374 -15.85 -26.49 14.53
N SER A 375 -16.52 -25.94 15.54
CA SER A 375 -16.73 -26.64 16.82
C SER A 375 -17.74 -27.77 16.66
N MET A 376 -18.83 -27.50 15.96
CA MET A 376 -19.88 -28.50 15.69
C MET A 376 -19.36 -29.68 14.86
N VAL A 377 -18.42 -29.41 13.96
CA VAL A 377 -17.79 -30.45 13.17
C VAL A 377 -16.83 -31.28 14.04
N ALA A 378 -16.18 -30.61 14.97
CA ALA A 378 -15.18 -31.24 15.84
C ALA A 378 -15.78 -32.23 16.85
N LYS A 379 -16.83 -31.81 17.56
CA LYS A 379 -17.40 -32.62 18.64
C LYS A 379 -18.80 -33.17 18.37
N ASN A 380 -19.24 -33.13 17.11
CA ASN A 380 -20.53 -33.71 16.71
C ASN A 380 -20.44 -34.50 15.41
N LEU A 381 -19.33 -34.35 14.68
CA LEU A 381 -19.18 -34.94 13.36
C LEU A 381 -17.82 -35.61 13.10
N GLY A 382 -17.14 -36.00 14.19
CA GLY A 382 -15.88 -36.74 14.10
C GLY A 382 -14.72 -35.97 13.48
N ALA A 383 -14.68 -34.66 13.76
CA ALA A 383 -13.59 -33.77 13.32
C ALA A 383 -13.19 -33.94 11.85
N ALA A 384 -14.18 -33.95 10.97
CA ALA A 384 -13.95 -34.10 9.53
C ALA A 384 -15.08 -33.43 8.74
N VAL A 385 -14.73 -32.84 7.60
CA VAL A 385 -15.68 -32.13 6.75
C VAL A 385 -16.90 -32.99 6.43
N PRO A 386 -18.11 -32.52 6.80
CA PRO A 386 -19.36 -33.26 6.64
C PRO A 386 -19.66 -33.58 5.17
N ASP A 387 -20.13 -34.80 4.92
CA ASP A 387 -20.56 -35.21 3.59
C ASP A 387 -21.98 -34.70 3.37
N PRO A 388 -22.14 -33.65 2.53
CA PRO A 388 -23.43 -32.98 2.41
C PRO A 388 -24.45 -33.82 1.62
N GLY A 389 -25.72 -33.47 1.79
CA GLY A 389 -26.79 -34.12 1.03
C GLY A 389 -27.23 -33.24 -0.12
N GLU A 390 -28.52 -33.28 -0.43
CA GLU A 390 -29.11 -32.43 -1.45
C GLU A 390 -29.11 -30.98 -0.98
N PHE A 391 -28.76 -30.06 -1.88
CA PHE A 391 -28.74 -28.63 -1.56
C PHE A 391 -30.11 -27.99 -1.81
N THR A 392 -30.57 -27.19 -0.86
CA THR A 392 -31.82 -26.46 -0.98
C THR A 392 -31.55 -25.11 -1.66
N ASP A 393 -32.63 -24.37 -1.93
CA ASP A 393 -32.54 -23.04 -2.53
C ASP A 393 -31.77 -22.05 -1.64
N GLU A 394 -31.91 -22.23 -0.33
CA GLU A 394 -31.20 -21.40 0.65
C GLU A 394 -29.69 -21.63 0.59
N ASP A 395 -29.29 -22.90 0.52
CA ASP A 395 -27.89 -23.29 0.39
C ASP A 395 -27.27 -22.75 -0.89
N THR A 396 -28.00 -22.91 -1.99
CA THR A 396 -27.52 -22.51 -3.32
C THR A 396 -27.36 -21.00 -3.44
N ALA A 397 -28.35 -20.25 -2.94
CA ALA A 397 -28.33 -18.78 -3.00
C ALA A 397 -27.16 -18.18 -2.22
N LEU A 398 -26.82 -18.79 -1.09
CA LEU A 398 -25.68 -18.37 -0.29
C LEU A 398 -24.35 -18.70 -0.98
N LEU A 399 -24.26 -19.91 -1.53
CA LEU A 399 -23.07 -20.34 -2.28
C LEU A 399 -22.86 -19.50 -3.55
N ALA A 400 -23.96 -19.05 -4.16
CA ALA A 400 -23.89 -18.20 -5.34
C ALA A 400 -23.34 -16.81 -5.01
N ALA A 401 -23.73 -16.30 -3.83
CA ALA A 401 -23.24 -15.00 -3.35
C ALA A 401 -21.75 -15.06 -3.00
N ALA A 402 -21.30 -16.23 -2.54
CA ALA A 402 -19.90 -16.45 -2.23
C ALA A 402 -19.04 -16.66 -3.47
N ASP A 403 -19.60 -17.37 -4.46
CA ASP A 403 -18.89 -17.67 -5.71
C ASP A 403 -18.73 -16.43 -6.60
N ALA A 404 -19.58 -15.44 -6.38
CA ALA A 404 -19.55 -14.20 -7.15
C ALA A 404 -18.48 -13.22 -6.65
N LEU A 405 -18.01 -13.44 -5.42
CA LEU A 405 -17.06 -12.54 -4.76
C LEU A 405 -15.79 -12.26 -5.56
N LEU A 406 -15.03 -13.30 -5.88
CA LEU A 406 -13.74 -13.19 -6.57
C LEU A 406 -13.74 -12.20 -7.74
N GLU A 407 -14.79 -12.22 -8.55
CA GLU A 407 -14.91 -11.32 -9.69
C GLU A 407 -15.02 -9.85 -9.30
N ARG A 408 -15.91 -9.54 -8.35
CA ARG A 408 -16.06 -8.15 -7.92
C ARG A 408 -14.91 -7.69 -7.02
N VAL A 409 -14.35 -8.61 -6.24
CA VAL A 409 -13.19 -8.32 -5.39
C VAL A 409 -11.97 -7.98 -6.25
N ARG A 410 -11.83 -8.66 -7.39
CA ARG A 410 -10.80 -8.35 -8.37
C ARG A 410 -11.01 -6.95 -8.96
N GLU A 411 -12.25 -6.61 -9.24
CA GLU A 411 -12.62 -5.29 -9.76
C GLU A 411 -12.30 -4.17 -8.77
N HIS A 412 -12.62 -4.39 -7.49
CA HIS A 412 -12.31 -3.42 -6.45
C HIS A 412 -10.81 -3.23 -6.27
N PHE A 413 -10.06 -4.34 -6.26
CA PHE A 413 -8.62 -4.31 -6.05
C PHE A 413 -7.84 -3.64 -7.17
N ASP A 414 -8.42 -3.60 -8.37
CA ASP A 414 -7.77 -2.97 -9.53
C ASP A 414 -7.91 -1.45 -9.56
N VAL A 415 -8.78 -0.91 -8.70
CA VAL A 415 -9.08 0.53 -8.70
C VAL A 415 -7.88 1.41 -8.26
N PRO A 416 -7.31 1.17 -7.06
CA PRO A 416 -7.63 0.19 -6.02
C PRO A 416 -8.65 0.70 -4.99
N ALA A 417 -9.46 -0.22 -4.48
CA ALA A 417 -10.51 0.09 -3.51
C ALA A 417 -10.72 -1.08 -2.58
N MET A 418 -9.76 -1.29 -1.67
CA MET A 418 -9.79 -2.42 -0.74
C MET A 418 -10.98 -2.38 0.22
N HIS A 419 -11.49 -1.18 0.49
CA HIS A 419 -12.63 -1.02 1.39
C HIS A 419 -13.91 -1.64 0.84
N LEU A 420 -14.14 -1.50 -0.47
CA LEU A 420 -15.30 -2.09 -1.11
C LEU A 420 -15.21 -3.61 -1.17
N ALA A 421 -13.99 -4.12 -1.35
CA ALA A 421 -13.73 -5.56 -1.34
C ALA A 421 -14.09 -6.17 0.01
N LEU A 422 -13.68 -5.50 1.08
CA LEU A 422 -13.97 -5.93 2.44
C LEU A 422 -15.45 -5.80 2.78
N GLU A 423 -16.10 -4.78 2.22
CA GLU A 423 -17.55 -4.62 2.34
C GLU A 423 -18.27 -5.75 1.63
N ALA A 424 -17.78 -6.12 0.44
CA ALA A 424 -18.37 -7.19 -0.35
C ALA A 424 -18.29 -8.54 0.34
N ILE A 425 -17.15 -8.82 0.96
CA ILE A 425 -16.92 -10.08 1.67
C ILE A 425 -17.77 -10.17 2.94
N TRP A 426 -17.85 -9.07 3.69
CA TRP A 426 -18.66 -9.02 4.91
C TRP A 426 -20.16 -9.08 4.67
N SER A 427 -20.60 -8.59 3.50
CA SER A 427 -21.98 -8.72 3.07
C SER A 427 -22.37 -10.20 2.94
N VAL A 428 -21.43 -11.01 2.46
CA VAL A 428 -21.62 -12.45 2.31
C VAL A 428 -21.48 -13.16 3.65
N LEU A 429 -20.58 -12.67 4.50
CA LEU A 429 -20.38 -13.23 5.83
C LEU A 429 -21.61 -13.01 6.72
N GLY A 430 -22.19 -11.81 6.61
CA GLY A 430 -23.44 -11.49 7.29
C GLY A 430 -24.58 -12.36 6.80
N ALA A 431 -24.61 -12.61 5.50
CA ALA A 431 -25.57 -13.51 4.89
C ALA A 431 -25.38 -14.95 5.36
N ALA A 432 -24.13 -15.33 5.60
CA ALA A 432 -23.78 -16.64 6.14
C ALA A 432 -24.18 -16.77 7.60
N ASN A 433 -24.19 -15.64 8.32
CA ASN A 433 -24.61 -15.61 9.72
C ASN A 433 -26.14 -15.73 9.87
N ARG A 434 -26.87 -15.08 8.97
CA ARG A 434 -28.33 -15.15 8.95
C ARG A 434 -28.81 -16.52 8.49
N TYR A 435 -28.04 -17.13 7.59
CA TYR A 435 -28.27 -18.49 7.13
C TYR A 435 -28.10 -19.50 8.26
N PHE A 436 -27.05 -19.30 9.05
CA PHE A 436 -26.73 -20.17 10.18
C PHE A 436 -27.82 -20.09 11.25
N SER A 437 -28.37 -18.90 11.46
CA SER A 437 -29.44 -18.67 12.43
C SER A 437 -30.75 -19.31 11.99
N ALA A 438 -31.07 -19.19 10.72
CA ALA A 438 -32.33 -19.69 10.17
C ALA A 438 -32.42 -21.22 10.16
N GLN A 439 -31.33 -21.86 9.73
CA GLN A 439 -31.29 -23.31 9.59
C GLN A 439 -31.31 -24.06 10.93
N GLU A 440 -30.76 -23.41 11.96
CA GLU A 440 -30.70 -23.95 13.33
C GLU A 440 -30.05 -25.35 13.41
N PRO A 441 -28.73 -25.44 13.16
CA PRO A 441 -28.04 -26.72 13.23
C PRO A 441 -27.99 -27.34 14.63
N TRP A 442 -27.96 -26.49 15.66
CA TRP A 442 -27.94 -26.95 17.06
C TRP A 442 -29.23 -27.68 17.44
N VAL A 443 -30.33 -27.33 16.76
CA VAL A 443 -31.60 -28.03 16.92
C VAL A 443 -31.58 -29.35 16.14
N LEU A 444 -31.08 -29.29 14.91
CA LEU A 444 -31.05 -30.42 13.99
C LEU A 444 -30.16 -31.59 14.45
N ARG A 445 -29.11 -31.28 15.20
CA ARG A 445 -28.19 -32.30 15.72
C ARG A 445 -28.81 -33.13 16.85
N LYS A 446 -29.83 -32.58 17.49
CA LYS A 446 -30.53 -33.25 18.59
C LYS A 446 -31.63 -34.18 18.09
N SER A 447 -32.13 -33.92 16.88
CA SER A 447 -33.22 -34.69 16.28
C SER A 447 -32.82 -36.13 15.97
N ASP A 448 -33.83 -37.02 15.99
CA ASP A 448 -33.62 -38.45 15.74
C ASP A 448 -33.83 -38.82 14.26
N ALA A 449 -34.59 -37.99 13.55
CA ALA A 449 -34.92 -38.23 12.15
C ALA A 449 -33.69 -38.19 11.25
N ALA A 450 -33.64 -39.13 10.31
CA ALA A 450 -32.50 -39.25 9.38
C ALA A 450 -32.42 -38.09 8.40
N GLU A 451 -33.58 -37.52 8.05
CA GLU A 451 -33.64 -36.38 7.13
C GLU A 451 -33.22 -35.06 7.80
N ASP A 452 -33.30 -35.02 9.13
CA ASP A 452 -32.81 -33.87 9.90
C ASP A 452 -31.31 -33.96 10.15
N GLN A 453 -30.80 -35.18 10.29
CA GLN A 453 -29.38 -35.43 10.50
C GLN A 453 -28.55 -35.12 9.25
N GLN A 454 -29.08 -35.50 8.08
CA GLN A 454 -28.44 -35.24 6.80
C GLN A 454 -28.47 -33.75 6.46
N ARG A 455 -29.53 -33.07 6.88
CA ARG A 455 -29.68 -31.63 6.69
C ARG A 455 -28.67 -30.87 7.55
N PHE A 456 -28.46 -31.36 8.76
CA PHE A 456 -27.45 -30.83 9.68
C PHE A 456 -26.05 -30.93 9.07
N ARG A 457 -25.78 -32.04 8.39
CA ARG A 457 -24.51 -32.23 7.68
C ARG A 457 -24.36 -31.29 6.48
N THR A 458 -25.47 -30.98 5.82
CA THR A 458 -25.48 -30.10 4.65
C THR A 458 -25.28 -28.63 5.04
N VAL A 459 -25.98 -28.20 6.08
CA VAL A 459 -25.87 -26.82 6.58
C VAL A 459 -24.43 -26.52 7.02
N LEU A 460 -23.84 -27.46 7.75
CA LEU A 460 -22.46 -27.32 8.21
C LEU A 460 -21.45 -27.28 7.07
N TYR A 461 -21.65 -28.12 6.06
CA TYR A 461 -20.80 -28.13 4.87
C TYR A 461 -20.86 -26.78 4.14
N THR A 462 -22.08 -26.26 3.97
CA THR A 462 -22.30 -24.99 3.29
C THR A 462 -21.63 -23.83 4.05
N THR A 463 -21.75 -23.85 5.37
CA THR A 463 -21.13 -22.83 6.22
C THR A 463 -19.60 -22.85 6.09
N LEU A 464 -19.01 -24.05 6.13
CA LEU A 464 -17.57 -24.23 6.00
C LEU A 464 -17.04 -23.79 4.63
N GLU A 465 -17.85 -23.99 3.59
CA GLU A 465 -17.48 -23.61 2.23
C GLU A 465 -17.45 -22.08 2.06
N VAL A 466 -18.43 -21.39 2.66
CA VAL A 466 -18.49 -19.93 2.59
C VAL A 466 -17.32 -19.28 3.33
N VAL A 467 -17.02 -19.78 4.53
CA VAL A 467 -15.90 -19.25 5.32
C VAL A 467 -14.54 -19.62 4.73
N ARG A 468 -14.50 -20.67 3.91
CA ARG A 468 -13.30 -21.06 3.18
C ARG A 468 -13.01 -20.06 2.07
N ILE A 469 -14.04 -19.78 1.26
CA ILE A 469 -13.95 -18.79 0.18
C ILE A 469 -13.58 -17.41 0.75
N ALA A 470 -14.22 -17.04 1.85
CA ALA A 470 -13.93 -15.78 2.52
C ALA A 470 -12.47 -15.72 3.00
N SER A 471 -12.01 -16.79 3.64
CA SER A 471 -10.64 -16.89 4.14
C SER A 471 -9.59 -16.75 3.04
N LEU A 472 -9.86 -17.38 1.90
CA LEU A 472 -8.95 -17.33 0.75
C LEU A 472 -8.82 -15.92 0.19
N LEU A 473 -9.95 -15.20 0.15
CA LEU A 473 -9.99 -13.84 -0.38
C LEU A 473 -9.44 -12.80 0.60
N LEU A 474 -9.48 -13.12 1.89
CA LEU A 474 -8.99 -12.21 2.94
C LEU A 474 -7.48 -12.36 3.21
N GLN A 475 -6.84 -13.28 2.49
CA GLN A 475 -5.40 -13.54 2.63
C GLN A 475 -4.51 -12.31 2.43
N PRO A 476 -4.80 -11.47 1.40
CA PRO A 476 -4.00 -10.25 1.21
C PRO A 476 -4.13 -9.26 2.36
N VAL A 477 -5.31 -9.19 2.98
CA VAL A 477 -5.57 -8.24 4.06
C VAL A 477 -5.01 -8.74 5.40
N MET A 478 -5.22 -10.02 5.70
CA MET A 478 -4.82 -10.60 6.98
C MET A 478 -4.04 -11.92 6.80
N PRO A 479 -2.74 -11.83 6.46
CA PRO A 479 -1.94 -13.00 6.08
C PRO A 479 -1.87 -14.11 7.16
N GLU A 480 -1.62 -13.72 8.41
CA GLU A 480 -1.42 -14.68 9.50
C GLU A 480 -2.71 -15.37 9.95
N SER A 481 -3.76 -14.58 10.14
CA SER A 481 -5.04 -15.07 10.66
C SER A 481 -5.79 -15.97 9.67
N THR A 482 -5.71 -15.63 8.39
CA THR A 482 -6.37 -16.40 7.34
C THR A 482 -5.67 -17.73 7.08
N ALA A 483 -4.35 -17.75 7.28
CA ALA A 483 -3.56 -18.97 7.15
C ALA A 483 -3.95 -19.98 8.23
N LYS A 484 -4.22 -19.48 9.43
CA LYS A 484 -4.63 -20.31 10.56
C LYS A 484 -6.08 -20.79 10.39
N LEU A 485 -6.91 -19.97 9.75
CA LEU A 485 -8.27 -20.36 9.40
C LEU A 485 -8.29 -21.51 8.39
N LEU A 486 -7.45 -21.39 7.37
CA LEU A 486 -7.34 -22.42 6.33
C LEU A 486 -6.70 -23.70 6.85
N ASP A 487 -5.88 -23.57 7.90
CA ASP A 487 -5.35 -24.72 8.62
C ASP A 487 -6.48 -25.49 9.30
N LEU A 488 -7.40 -24.74 9.92
CA LEU A 488 -8.55 -25.32 10.60
C LEU A 488 -9.61 -25.84 9.63
N LEU A 489 -9.59 -25.33 8.41
CA LEU A 489 -10.50 -25.78 7.36
C LEU A 489 -9.87 -26.89 6.52
N GLY A 490 -8.69 -27.35 6.95
CA GLY A 490 -8.01 -28.48 6.33
C GLY A 490 -7.53 -28.22 4.91
N GLN A 491 -7.38 -26.94 4.56
CA GLN A 491 -6.93 -26.55 3.24
C GLN A 491 -5.41 -26.74 3.13
N PRO A 492 -4.95 -27.49 2.11
CA PRO A 492 -3.51 -27.70 1.90
C PRO A 492 -2.81 -26.38 1.54
N THR A 493 -1.56 -26.26 1.96
CA THR A 493 -0.77 -25.04 1.73
C THR A 493 -0.49 -24.78 0.25
N ASP A 494 -0.39 -25.86 -0.53
CA ASP A 494 -0.16 -25.78 -1.97
C ASP A 494 -1.45 -25.52 -2.77
N GLU A 495 -2.55 -25.26 -2.05
CA GLU A 495 -3.84 -24.99 -2.68
C GLU A 495 -4.53 -23.79 -2.02
N ARG A 496 -3.84 -22.65 -2.01
CA ARG A 496 -4.37 -21.42 -1.40
C ARG A 496 -4.39 -20.21 -2.34
N ASP A 497 -4.27 -20.47 -3.63
CA ASP A 497 -4.43 -19.44 -4.66
C ASP A 497 -5.91 -19.23 -4.94
N PHE A 498 -6.22 -18.16 -5.68
CA PHE A 498 -7.61 -17.86 -6.02
C PHE A 498 -8.23 -18.87 -6.98
N SER A 499 -7.37 -19.69 -7.61
CA SER A 499 -7.82 -20.78 -8.47
C SER A 499 -8.46 -21.90 -7.65
N ALA A 500 -8.15 -21.94 -6.36
CA ALA A 500 -8.67 -22.95 -5.45
C ALA A 500 -10.10 -22.65 -4.98
N ILE A 501 -10.53 -21.41 -5.16
CA ILE A 501 -11.89 -20.98 -4.82
C ILE A 501 -12.94 -21.76 -5.62
N ALA A 502 -12.62 -22.06 -6.87
CA ALA A 502 -13.49 -22.83 -7.75
C ALA A 502 -13.66 -24.28 -7.31
N ASN A 503 -12.65 -24.82 -6.63
CA ASN A 503 -12.70 -26.18 -6.10
C ASN A 503 -13.24 -26.20 -4.68
N ARG A 504 -14.42 -26.79 -4.51
CA ARG A 504 -15.10 -26.83 -3.22
C ARG A 504 -14.37 -27.68 -2.19
N ILE A 505 -14.59 -27.34 -0.91
CA ILE A 505 -14.01 -28.10 0.21
C ILE A 505 -14.42 -29.57 0.15
N LYS A 506 -13.44 -30.46 0.29
CA LYS A 506 -13.67 -31.89 0.13
C LYS A 506 -14.22 -32.53 1.40
N PRO A 507 -15.36 -33.26 1.29
CA PRO A 507 -15.92 -33.98 2.42
C PRO A 507 -14.98 -35.10 2.88
N GLY A 508 -14.90 -35.29 4.20
CA GLY A 508 -14.03 -36.31 4.77
C GLY A 508 -12.61 -35.84 5.03
N THR A 509 -12.35 -34.56 4.75
CA THR A 509 -11.04 -33.96 5.01
C THR A 509 -10.87 -33.72 6.51
N SER A 510 -9.76 -34.22 7.03
CA SER A 510 -9.46 -34.14 8.47
C SER A 510 -9.27 -32.69 8.92
N LEU A 511 -9.91 -32.34 10.04
CA LEU A 511 -9.82 -31.00 10.60
C LEU A 511 -9.22 -31.01 12.00
N PRO A 512 -8.18 -30.19 12.23
CA PRO A 512 -7.56 -30.10 13.56
C PRO A 512 -8.43 -29.32 14.53
N ALA A 513 -8.17 -29.49 15.83
CA ALA A 513 -8.97 -28.86 16.89
C ALA A 513 -9.10 -27.35 16.68
N PRO A 514 -10.35 -26.86 16.51
CA PRO A 514 -10.59 -25.44 16.29
C PRO A 514 -10.39 -24.59 17.55
N SER A 515 -9.76 -23.43 17.36
CA SER A 515 -9.54 -22.47 18.44
C SER A 515 -9.72 -21.04 17.92
N GLY A 516 -10.05 -20.12 18.82
CA GLY A 516 -10.29 -18.72 18.46
C GLY A 516 -9.09 -18.06 17.79
N ILE A 517 -9.35 -17.39 16.68
CA ILE A 517 -8.30 -16.72 15.92
C ILE A 517 -8.46 -15.20 16.01
N PHE A 518 -9.70 -14.74 16.14
CA PHE A 518 -10.00 -13.32 16.33
C PHE A 518 -10.56 -13.08 17.73
N PRO A 519 -9.68 -12.73 18.69
CA PRO A 519 -10.11 -12.51 20.06
C PRO A 519 -10.56 -11.06 20.31
N ARG A 520 -11.47 -10.89 21.27
CA ARG A 520 -11.97 -9.57 21.65
C ARG A 520 -10.95 -8.80 22.48
N TYR A 521 -11.10 -7.48 22.52
CA TYR A 521 -10.25 -6.63 23.34
C TYR A 521 -10.92 -6.25 24.66
N MET B . 11.07 10.70 0.39
CA MET B . 9.78 11.16 -0.15
C MET B . 8.80 11.49 1.00
O MET B . 7.79 12.16 0.78
CB MET B . 9.17 10.11 -1.08
CG MET B . 10.00 9.81 -2.31
SD MET B . 9.09 8.81 -3.50
CE MET B . 10.33 8.58 -4.76
OXT MET B . 9.00 11.08 2.14
P 2HP C . -10.51 6.56 -9.88
O1 2HP C . -9.29 7.01 -10.64
O2 2HP C . -10.32 5.74 -8.63
O3 2HP C . -11.33 7.88 -9.45
O4 2HP C . -11.43 5.71 -10.89
S CXS D . 8.97 17.45 -26.55
O1 CXS D . 7.63 17.66 -25.92
O2 CXS D . 8.98 18.10 -27.88
O3 CXS D . 9.21 16.00 -26.71
C1 CXS D . 10.15 18.13 -25.60
C2 CXS D . 11.52 17.67 -26.09
C3 CXS D . 12.63 18.40 -25.36
N CXS D . 13.76 18.68 -26.24
C4 CXS D . 14.66 19.79 -25.98
C5 CXS D . 15.92 19.62 -26.82
C6 CXS D . 16.90 20.78 -26.61
C7 CXS D . 16.25 22.15 -26.81
C8 CXS D . 14.92 22.31 -26.09
C9 CXS D . 13.98 21.12 -26.32
#